data_7ZO6
#
_entry.id   7ZO6
#
_cell.length_a   105.345
_cell.length_b   105.345
_cell.length_c   97.891
_cell.angle_alpha   90.000
_cell.angle_beta   90.000
_cell.angle_gamma   120.000
#
_symmetry.space_group_name_H-M   'P 64 2 2'
#
loop_
_entity.id
_entity.type
_entity.pdbx_description
1 polymer 'Metallo-beta-lactamase L1'
2 non-polymer 'ZINC ION'
3 non-polymer 'SULFATE ION'
4 non-polymer '(2~{R},5~{S})-5-(aminocarbonyloxymethyl)-2-[(1~{S})-1-methoxy-2-oxidanyl-2-oxidanylidene-1-(2-thiophen-2-ylethanoylamino)ethyl]-5,6-dihydro-2~{H}-1,3-thiazine-4-carboxylic acid'
5 water water
#
_entity_poly.entity_id   1
_entity_poly.type   'polypeptide(L)'
_entity_poly.pdbx_seq_one_letter_code
;GPAEVPLPQLRAYTVDASWLQPMAPLQIADHTWQIGTEDLTALLVQTPDGAVLLDGGMPQMASHLLDNMKARGVTPRDLR
LILLSHAHADHAGPVAELKRRTGAKVAANAESAVLLARGGSDDLHFGDGITYPPANADRIVMDGEVITVGGIVFTAHFMA
GHTPGSTAWTWTDTRNGKPVRIAYADSLSAPGYQLQGNPRYPHLIEDYRRSFATVRALPCDVLLTPHPGASNWDYAAGAR
AGAKALTCKAYADAAEQKFDGQLAKETAGAR
;
_entity_poly.pdbx_strand_id   A
#
# COMPACT_ATOMS: atom_id res chain seq x y z
C GLU A 4 -1.17 40.36 -12.93
N VAL A 5 -0.72 39.70 -11.86
CA VAL A 5 -0.34 38.30 -11.90
C VAL A 5 -1.23 37.54 -10.93
N PRO A 6 -2.10 36.68 -11.40
CA PRO A 6 -2.97 35.95 -10.47
C PRO A 6 -2.20 34.85 -9.77
N LEU A 7 -2.72 34.44 -8.63
CA LEU A 7 -2.19 33.27 -7.95
C LEU A 7 -2.25 32.06 -8.89
N PRO A 8 -1.36 31.09 -8.72
CA PRO A 8 -1.40 29.91 -9.61
C PRO A 8 -2.68 29.11 -9.46
N GLN A 9 -3.09 28.48 -10.56
CA GLN A 9 -4.19 27.55 -10.50
C GLN A 9 -3.80 26.33 -9.67
N LEU A 10 -4.79 25.68 -9.07
CA LEU A 10 -4.52 24.40 -8.43
C LEU A 10 -4.00 23.43 -9.47
N ARG A 11 -3.00 22.64 -9.08
CA ARG A 11 -2.37 21.66 -9.95
C ARG A 11 -2.85 20.26 -9.55
N ALA A 12 -3.39 19.54 -10.51
CA ALA A 12 -3.90 18.21 -10.23
C ALA A 12 -2.74 17.24 -10.03
N TYR A 13 -3.01 16.20 -9.24
CA TYR A 13 -2.05 15.11 -9.02
C TYR A 13 -2.12 14.18 -10.23
N THR A 14 -1.26 14.42 -11.20
CA THR A 14 -1.18 13.62 -12.40
C THR A 14 -0.03 12.63 -12.29
N VAL A 15 -0.20 11.46 -12.90
CA VAL A 15 0.68 10.32 -12.72
C VAL A 15 0.91 9.64 -14.07
N ASP A 16 1.94 8.79 -14.13
CA ASP A 16 2.23 8.04 -15.34
C ASP A 16 0.99 7.26 -15.78
N ALA A 17 0.79 7.15 -17.10
CA ALA A 17 -0.38 6.48 -17.63
C ALA A 17 -0.47 5.03 -17.12
N SER A 18 0.67 4.34 -16.97
CA SER A 18 0.60 2.95 -16.54
C SER A 18 -0.02 2.84 -15.15
N TRP A 19 0.11 3.88 -14.33
CA TRP A 19 -0.50 3.82 -13.01
C TRP A 19 -2.03 3.78 -13.09
N LEU A 20 -2.57 4.19 -14.22
CA LEU A 20 -4.01 4.33 -14.42
C LEU A 20 -4.52 3.35 -15.47
N GLN A 21 -3.72 2.37 -15.83
CA GLN A 21 -4.06 1.45 -16.91
C GLN A 21 -4.79 0.25 -16.31
N PRO A 22 -6.10 0.10 -16.53
CA PRO A 22 -6.78 -1.05 -15.93
C PRO A 22 -6.23 -2.37 -16.43
N MET A 23 -6.25 -3.35 -15.54
CA MET A 23 -5.92 -4.73 -15.88
C MET A 23 -7.00 -5.63 -15.31
N ALA A 24 -7.16 -6.79 -15.93
CA ALA A 24 -8.01 -7.83 -15.37
C ALA A 24 -7.35 -8.41 -14.13
N PRO A 25 -8.13 -9.10 -13.28
CA PRO A 25 -7.56 -9.71 -12.09
C PRO A 25 -6.46 -10.70 -12.44
N LEU A 26 -5.38 -10.65 -11.66
CA LEU A 26 -4.19 -11.47 -11.81
C LEU A 26 -4.00 -12.26 -10.53
N GLN A 27 -4.03 -13.59 -10.63
CA GLN A 27 -3.99 -14.40 -9.41
C GLN A 27 -2.57 -14.48 -8.86
N ILE A 28 -2.43 -14.17 -7.58
CA ILE A 28 -1.18 -14.31 -6.86
C ILE A 28 -1.11 -15.62 -6.09
N ALA A 29 -2.19 -16.01 -5.44
CA ALA A 29 -2.27 -17.29 -4.75
C ALA A 29 -3.73 -17.74 -4.78
N ASP A 30 -4.03 -18.82 -4.05
CA ASP A 30 -5.34 -19.46 -4.18
C ASP A 30 -6.46 -18.46 -3.89
N HIS A 31 -6.26 -17.55 -2.94
CA HIS A 31 -7.32 -16.61 -2.59
C HIS A 31 -6.92 -15.14 -2.73
N THR A 32 -5.77 -14.87 -3.36
CA THR A 32 -5.20 -13.53 -3.43
C THR A 32 -5.02 -13.11 -4.88
N TRP A 33 -5.53 -11.92 -5.21
CA TRP A 33 -5.55 -11.40 -6.57
C TRP A 33 -5.11 -9.96 -6.62
N GLN A 34 -4.31 -9.61 -7.64
CA GLN A 34 -4.09 -8.20 -7.98
C GLN A 34 -5.24 -7.72 -8.86
N ILE A 35 -5.96 -6.68 -8.40
CA ILE A 35 -7.12 -6.21 -9.13
C ILE A 35 -7.07 -4.72 -9.44
N GLY A 36 -5.89 -4.12 -9.25
CA GLY A 36 -5.71 -2.72 -9.55
C GLY A 36 -5.34 -2.44 -10.99
N THR A 37 -4.32 -1.60 -11.18
CA THR A 37 -3.85 -1.22 -12.50
C THR A 37 -2.50 -1.88 -12.75
N GLU A 38 -1.95 -1.62 -13.93
N GLU A 38 -1.96 -1.63 -13.94
CA GLU A 38 -0.68 -2.26 -14.28
CA GLU A 38 -0.69 -2.23 -14.32
C GLU A 38 0.43 -1.84 -13.33
C GLU A 38 0.42 -1.84 -13.35
N ASP A 39 0.41 -0.59 -12.87
CA ASP A 39 1.49 -0.10 -12.02
C ASP A 39 1.04 0.39 -10.64
N LEU A 40 -0.16 0.05 -10.20
CA LEU A 40 -0.54 0.29 -8.80
C LEU A 40 -1.22 -0.96 -8.25
N THR A 41 -0.71 -1.44 -7.10
CA THR A 41 -1.25 -2.62 -6.47
C THR A 41 -2.55 -2.34 -5.72
N ALA A 42 -3.49 -3.25 -5.87
CA ALA A 42 -4.72 -3.29 -5.08
C ALA A 42 -5.03 -4.78 -4.94
N LEU A 43 -4.87 -5.32 -3.74
CA LEU A 43 -4.97 -6.75 -3.53
C LEU A 43 -6.34 -7.12 -2.96
N LEU A 44 -6.97 -8.09 -3.60
CA LEU A 44 -8.24 -8.67 -3.13
C LEU A 44 -7.95 -10.06 -2.57
N VAL A 45 -8.33 -10.27 -1.31
CA VAL A 45 -8.23 -11.59 -0.68
C VAL A 45 -9.65 -12.07 -0.42
N GLN A 46 -10.02 -13.18 -1.06
CA GLN A 46 -11.37 -13.72 -1.03
C GLN A 46 -11.46 -14.86 -0.04
N THR A 47 -12.37 -14.75 0.90
CA THR A 47 -12.59 -15.78 1.90
C THR A 47 -14.05 -16.21 1.87
N PRO A 48 -14.36 -17.36 2.46
CA PRO A 48 -15.77 -17.77 2.55
C PRO A 48 -16.60 -16.83 3.40
N ASP A 49 -15.96 -15.90 4.11
CA ASP A 49 -16.62 -14.98 5.03
C ASP A 49 -16.52 -13.54 4.56
N GLY A 50 -16.33 -13.31 3.27
CA GLY A 50 -16.22 -11.98 2.74
C GLY A 50 -14.82 -11.72 2.21
N ALA A 51 -14.66 -10.55 1.60
CA ALA A 51 -13.44 -10.18 0.92
C ALA A 51 -12.72 -9.05 1.67
N VAL A 52 -11.41 -9.06 1.53
CA VAL A 52 -10.52 -8.02 2.05
C VAL A 52 -9.85 -7.35 0.87
N LEU A 53 -9.76 -6.02 0.92
CA LEU A 53 -8.99 -5.25 -0.05
C LEU A 53 -7.82 -4.60 0.67
N LEU A 54 -6.62 -4.76 0.11
CA LEU A 54 -5.42 -4.09 0.59
C LEU A 54 -4.99 -3.08 -0.49
N ASP A 55 -5.20 -1.80 -0.17
CA ASP A 55 -5.02 -0.64 -1.04
C ASP A 55 -6.05 -0.55 -2.18
N GLY A 56 -6.24 0.65 -2.71
CA GLY A 56 -7.12 0.89 -3.82
C GLY A 56 -6.49 1.68 -4.95
N GLY A 57 -5.26 2.13 -4.77
CA GLY A 57 -4.60 2.93 -5.77
C GLY A 57 -5.09 4.36 -5.77
N MET A 58 -5.30 4.92 -6.97
CA MET A 58 -5.69 6.32 -7.15
C MET A 58 -7.19 6.56 -6.95
N PRO A 59 -7.58 7.81 -6.70
CA PRO A 59 -9.00 8.09 -6.43
C PRO A 59 -9.94 7.68 -7.56
N GLN A 60 -9.49 7.78 -8.80
CA GLN A 60 -10.40 7.46 -9.89
C GLN A 60 -10.49 5.96 -10.19
N MET A 61 -9.88 5.09 -9.37
CA MET A 61 -9.90 3.64 -9.62
C MET A 61 -11.08 2.93 -8.95
N ALA A 62 -11.97 3.65 -8.27
CA ALA A 62 -13.00 2.96 -7.49
C ALA A 62 -13.88 2.07 -8.37
N SER A 63 -14.40 2.60 -9.49
CA SER A 63 -15.31 1.80 -10.30
C SER A 63 -14.60 0.59 -10.91
N HIS A 64 -13.36 0.78 -11.37
CA HIS A 64 -12.61 -0.36 -11.89
C HIS A 64 -12.43 -1.44 -10.82
N LEU A 65 -12.10 -1.06 -9.59
CA LEU A 65 -11.95 -2.04 -8.52
C LEU A 65 -13.24 -2.80 -8.32
N LEU A 66 -14.38 -2.08 -8.28
CA LEU A 66 -15.65 -2.76 -8.10
C LEU A 66 -15.94 -3.69 -9.28
N ASP A 67 -15.57 -3.29 -10.49
CA ASP A 67 -15.76 -4.15 -11.66
C ASP A 67 -14.97 -5.43 -11.49
N ASN A 68 -13.70 -5.31 -11.07
CA ASN A 68 -12.88 -6.50 -10.91
C ASN A 68 -13.36 -7.36 -9.75
N MET A 69 -13.88 -6.76 -8.69
CA MET A 69 -14.45 -7.57 -7.62
C MET A 69 -15.64 -8.38 -8.12
N LYS A 70 -16.53 -7.75 -8.87
CA LYS A 70 -17.66 -8.47 -9.45
C LYS A 70 -17.17 -9.60 -10.34
N ALA A 71 -16.14 -9.36 -11.15
CA ALA A 71 -15.58 -10.43 -11.98
C ALA A 71 -15.13 -11.62 -11.13
N ARG A 72 -14.64 -11.34 -9.92
CA ARG A 72 -14.22 -12.37 -8.98
C ARG A 72 -15.38 -12.97 -8.19
N GLY A 73 -16.59 -12.42 -8.33
CA GLY A 73 -17.72 -12.92 -7.58
C GLY A 73 -17.97 -12.20 -6.28
N VAL A 74 -17.31 -11.08 -6.06
CA VAL A 74 -17.42 -10.30 -4.83
C VAL A 74 -18.36 -9.14 -5.12
N THR A 75 -19.53 -9.17 -4.51
CA THR A 75 -20.43 -8.03 -4.61
C THR A 75 -20.02 -6.96 -3.61
N PRO A 76 -20.58 -5.76 -3.76
CA PRO A 76 -20.33 -4.71 -2.75
C PRO A 76 -20.57 -5.17 -1.31
N ARG A 77 -21.70 -5.82 -1.02
CA ARG A 77 -21.95 -6.30 0.34
C ARG A 77 -20.88 -7.25 0.83
N ASP A 78 -20.16 -7.93 -0.07
CA ASP A 78 -19.21 -8.95 0.32
C ASP A 78 -17.86 -8.36 0.73
N LEU A 79 -17.56 -7.14 0.32
CA LEU A 79 -16.31 -6.50 0.73
C LEU A 79 -16.47 -6.05 2.18
N ARG A 80 -15.67 -6.63 3.07
CA ARG A 80 -15.85 -6.42 4.49
C ARG A 80 -14.80 -5.50 5.09
N LEU A 81 -13.61 -5.45 4.51
CA LEU A 81 -12.47 -4.85 5.19
C LEU A 81 -11.56 -4.25 4.15
N ILE A 82 -11.09 -3.03 4.40
CA ILE A 82 -10.05 -2.37 3.63
C ILE A 82 -8.87 -2.14 4.56
N LEU A 83 -7.71 -2.62 4.13
CA LEU A 83 -6.43 -2.40 4.80
C LEU A 83 -5.57 -1.54 3.90
N LEU A 84 -4.61 -0.82 4.52
CA LEU A 84 -3.77 0.08 3.74
C LEU A 84 -2.28 -0.09 4.03
N SER A 85 -1.48 0.04 2.96
CA SER A 85 -0.03 0.19 3.14
C SER A 85 0.30 1.56 3.74
N HIS A 86 -0.05 2.63 3.04
CA HIS A 86 -0.02 3.95 3.65
C HIS A 86 -1.04 4.87 2.99
N ALA A 87 -1.32 5.96 3.67
CA ALA A 87 -2.48 6.79 3.31
C ALA A 87 -2.10 7.96 2.40
N HIS A 88 -1.41 7.69 1.31
CA HIS A 88 -1.20 8.66 0.25
C HIS A 88 -2.22 8.47 -0.86
N ALA A 89 -2.39 9.51 -1.66
CA ALA A 89 -3.43 9.54 -2.68
C ALA A 89 -3.32 8.41 -3.70
N ASP A 90 -2.11 7.91 -3.97
CA ASP A 90 -1.94 6.88 -4.99
C ASP A 90 -2.16 5.46 -4.45
N HIS A 91 -2.47 5.31 -3.16
CA HIS A 91 -2.72 3.99 -2.59
C HIS A 91 -4.03 3.90 -1.84
N ALA A 92 -4.44 5.00 -1.19
CA ALA A 92 -5.70 5.10 -0.44
C ALA A 92 -6.70 5.98 -1.15
N GLY A 93 -6.42 6.38 -2.39
CA GLY A 93 -7.22 7.39 -3.06
C GLY A 93 -8.72 7.16 -3.06
N PRO A 94 -9.14 5.93 -3.39
CA PRO A 94 -10.58 5.66 -3.54
C PRO A 94 -11.26 5.12 -2.29
N VAL A 95 -10.59 5.16 -1.13
CA VAL A 95 -11.14 4.52 0.07
C VAL A 95 -12.47 5.13 0.46
N ALA A 96 -12.57 6.48 0.50
CA ALA A 96 -13.84 7.10 0.88
C ALA A 96 -14.98 6.61 0.01
N GLU A 97 -14.76 6.57 -1.31
CA GLU A 97 -15.83 6.18 -2.23
C GLU A 97 -16.17 4.70 -2.06
N LEU A 98 -15.15 3.86 -1.89
CA LEU A 98 -15.39 2.44 -1.67
C LEU A 98 -16.23 2.22 -0.40
N LYS A 99 -15.99 3.02 0.64
CA LYS A 99 -16.78 2.83 1.86
C LYS A 99 -18.24 3.21 1.62
N ARG A 100 -18.47 4.23 0.79
CA ARG A 100 -19.83 4.64 0.48
C ARG A 100 -20.55 3.60 -0.37
N ARG A 101 -19.82 2.89 -1.24
CA ARG A 101 -20.43 2.00 -2.22
C ARG A 101 -20.39 0.52 -1.85
N THR A 102 -19.79 0.16 -0.71
CA THR A 102 -19.65 -1.22 -0.31
C THR A 102 -19.94 -1.37 1.18
N GLY A 103 -19.90 -2.60 1.64
CA GLY A 103 -19.95 -2.86 3.06
C GLY A 103 -18.67 -2.66 3.82
N ALA A 104 -17.63 -2.14 3.18
CA ALA A 104 -16.30 -2.24 3.72
C ALA A 104 -16.05 -1.24 4.85
N LYS A 105 -15.36 -1.73 5.87
CA LYS A 105 -14.85 -0.93 6.96
C LYS A 105 -13.33 -0.92 6.88
N VAL A 106 -12.74 0.16 7.39
CA VAL A 106 -11.30 0.40 7.29
C VAL A 106 -10.65 0.11 8.62
N ALA A 107 -9.55 -0.65 8.60
CA ALA A 107 -8.70 -0.83 9.77
C ALA A 107 -7.33 -0.25 9.48
N ALA A 108 -6.82 0.60 10.39
CA ALA A 108 -5.51 1.20 10.15
C ALA A 108 -4.88 1.61 11.48
N ASN A 109 -3.58 1.87 11.46
CA ASN A 109 -2.98 2.39 12.69
C ASN A 109 -3.35 3.86 12.85
N ALA A 110 -3.05 4.38 14.05
CA ALA A 110 -3.44 5.75 14.37
C ALA A 110 -2.83 6.75 13.40
N GLU A 111 -1.55 6.58 13.06
CA GLU A 111 -0.95 7.53 12.13
C GLU A 111 -1.66 7.50 10.78
N SER A 112 -1.89 6.30 10.24
CA SER A 112 -2.56 6.26 8.94
C SER A 112 -3.99 6.77 9.04
N ALA A 113 -4.67 6.49 10.15
CA ALA A 113 -6.03 6.96 10.35
C ALA A 113 -6.10 8.49 10.35
N VAL A 114 -5.13 9.14 11.02
N VAL A 114 -5.14 9.17 11.01
CA VAL A 114 -5.14 10.60 11.09
CA VAL A 114 -5.28 10.63 11.05
C VAL A 114 -4.92 11.20 9.71
C VAL A 114 -4.92 11.23 9.68
N LEU A 115 -4.01 10.61 8.93
CA LEU A 115 -3.70 11.15 7.60
C LEU A 115 -4.84 10.86 6.63
N LEU A 116 -5.45 9.69 6.75
CA LEU A 116 -6.62 9.37 5.93
C LEU A 116 -7.77 10.33 6.22
N ALA A 117 -8.00 10.62 7.50
CA ALA A 117 -9.10 11.50 7.91
C ALA A 117 -8.91 12.90 7.40
N ARG A 118 -7.68 13.32 7.13
CA ARG A 118 -7.52 14.63 6.51
C ARG A 118 -7.23 14.54 5.02
N GLY A 119 -7.52 13.41 4.40
CA GLY A 119 -7.42 13.27 2.94
C GLY A 119 -6.02 13.53 2.43
N GLY A 120 -5.03 13.20 3.25
CA GLY A 120 -3.64 13.41 2.83
C GLY A 120 -3.16 14.83 2.85
N SER A 121 -3.96 15.77 3.33
CA SER A 121 -3.56 17.16 3.45
C SER A 121 -2.60 17.30 4.62
N ASP A 122 -1.90 18.43 4.62
CA ASP A 122 -0.89 18.73 5.65
C ASP A 122 0.08 17.55 5.79
N ASP A 123 0.49 17.03 4.64
CA ASP A 123 1.48 15.95 4.61
C ASP A 123 2.81 16.46 5.15
N LEU A 124 3.54 15.59 5.85
CA LEU A 124 4.79 16.03 6.45
C LEU A 124 5.77 16.59 5.41
N HIS A 125 5.73 16.04 4.18
CA HIS A 125 6.68 16.43 3.14
C HIS A 125 6.04 17.11 1.95
N PHE A 126 4.83 16.71 1.57
CA PHE A 126 4.16 17.19 0.37
C PHE A 126 3.18 18.33 0.65
N GLY A 127 2.93 18.68 1.91
CA GLY A 127 1.99 19.75 2.19
C GLY A 127 0.59 19.36 1.74
N ASP A 128 -0.06 20.25 0.97
CA ASP A 128 -1.37 20.00 0.40
C ASP A 128 -1.29 19.65 -1.08
N GLY A 129 -0.10 19.27 -1.55
CA GLY A 129 0.08 19.01 -2.97
C GLY A 129 -0.55 17.74 -3.47
N ILE A 130 -0.84 16.79 -2.58
CA ILE A 130 -1.25 15.46 -2.98
C ILE A 130 -2.35 15.04 -2.01
N THR A 131 -3.59 15.46 -2.30
CA THR A 131 -4.73 15.21 -1.43
C THR A 131 -5.76 14.32 -2.14
N TYR A 132 -6.77 13.90 -1.38
CA TYR A 132 -7.79 12.98 -1.90
C TYR A 132 -8.95 13.00 -0.92
N PRO A 133 -10.08 12.38 -1.29
CA PRO A 133 -11.27 12.44 -0.40
C PRO A 133 -10.98 11.78 0.95
N PRO A 134 -11.27 12.49 2.05
CA PRO A 134 -10.97 11.92 3.37
C PRO A 134 -11.90 10.77 3.70
N ALA A 135 -11.40 9.88 4.56
CA ALA A 135 -12.20 8.76 5.04
C ALA A 135 -11.84 8.52 6.49
N ASN A 136 -12.79 7.90 7.21
CA ASN A 136 -12.60 7.57 8.62
C ASN A 136 -12.28 6.11 8.77
N ALA A 137 -11.37 5.81 9.70
CA ALA A 137 -11.08 4.42 10.06
C ALA A 137 -12.11 3.92 11.05
N ASP A 138 -12.50 2.67 10.88
CA ASP A 138 -13.47 2.04 11.78
C ASP A 138 -12.81 1.27 12.90
N ARG A 139 -11.55 0.93 12.73
CA ARG A 139 -10.80 0.18 13.73
C ARG A 139 -9.36 0.65 13.68
N ILE A 140 -8.79 0.86 14.86
CA ILE A 140 -7.38 1.25 15.00
C ILE A 140 -6.60 0.01 15.41
N VAL A 141 -5.51 -0.27 14.69
CA VAL A 141 -4.67 -1.43 14.98
C VAL A 141 -3.32 -0.98 15.54
N MET A 142 -2.77 -1.83 16.40
CA MET A 142 -1.47 -1.66 17.02
C MET A 142 -0.46 -2.54 16.33
N ASP A 143 0.81 -2.24 16.54
CA ASP A 143 1.85 -2.99 15.87
C ASP A 143 1.80 -4.46 16.28
N GLY A 144 1.81 -5.35 15.28
CA GLY A 144 1.73 -6.76 15.56
C GLY A 144 0.34 -7.30 15.77
N GLU A 145 -0.67 -6.45 15.73
CA GLU A 145 -2.04 -6.89 15.92
C GLU A 145 -2.50 -7.67 14.69
N VAL A 146 -3.37 -8.64 14.95
CA VAL A 146 -3.87 -9.52 13.90
C VAL A 146 -5.33 -9.22 13.66
N ILE A 147 -5.73 -9.36 12.40
CA ILE A 147 -7.13 -9.30 12.01
C ILE A 147 -7.41 -10.54 11.18
N THR A 148 -8.53 -11.19 11.48
CA THR A 148 -8.86 -12.47 10.89
C THR A 148 -10.16 -12.32 10.11
N VAL A 149 -10.15 -12.72 8.84
CA VAL A 149 -11.36 -12.74 8.01
C VAL A 149 -11.43 -14.10 7.36
N GLY A 150 -12.58 -14.77 7.50
CA GLY A 150 -12.80 -16.08 6.92
C GLY A 150 -11.63 -17.01 7.13
N GLY A 151 -10.93 -16.83 8.24
CA GLY A 151 -9.82 -17.69 8.58
C GLY A 151 -8.50 -17.37 7.92
N ILE A 152 -8.40 -16.27 7.20
CA ILE A 152 -7.11 -15.77 6.78
C ILE A 152 -6.67 -14.75 7.85
N VAL A 153 -5.46 -14.90 8.36
CA VAL A 153 -4.99 -14.06 9.45
C VAL A 153 -3.99 -13.04 8.92
N PHE A 154 -4.38 -11.77 9.02
CA PHE A 154 -3.56 -10.63 8.61
C PHE A 154 -2.86 -10.03 9.83
N THR A 155 -1.54 -9.85 9.74
CA THR A 155 -0.75 -9.29 10.82
C THR A 155 -0.16 -7.97 10.35
N ALA A 156 -0.32 -6.94 11.17
CA ALA A 156 0.26 -5.63 10.91
C ALA A 156 1.70 -5.57 11.43
N HIS A 157 2.61 -5.07 10.58
CA HIS A 157 3.99 -4.80 10.97
C HIS A 157 4.31 -3.34 10.63
N PHE A 158 4.42 -2.50 11.64
CA PHE A 158 4.63 -1.09 11.35
C PHE A 158 6.01 -0.94 10.76
N MET A 159 6.14 -0.10 9.75
CA MET A 159 7.41 0.19 9.12
C MET A 159 7.41 1.67 8.76
N ALA A 160 7.39 2.49 9.80
CA ALA A 160 7.35 3.94 9.63
C ALA A 160 8.53 4.46 8.82
N GLY A 161 8.27 5.50 8.02
CA GLY A 161 9.30 6.19 7.30
C GLY A 161 8.68 6.90 6.11
N HIS A 162 8.31 6.14 5.07
CA HIS A 162 7.67 6.77 3.92
C HIS A 162 6.49 7.64 4.35
N THR A 163 5.67 7.12 5.25
CA THR A 163 4.77 7.93 6.07
C THR A 163 4.95 7.44 7.49
N PRO A 164 4.56 8.24 8.49
CA PRO A 164 4.61 7.75 9.87
C PRO A 164 3.85 6.46 10.08
N GLY A 165 2.75 6.26 9.37
CA GLY A 165 1.88 5.12 9.57
C GLY A 165 2.10 3.97 8.62
N SER A 166 3.18 4.01 7.85
CA SER A 166 3.46 2.97 6.88
C SER A 166 3.47 1.59 7.54
N THR A 167 2.83 0.62 6.87
CA THR A 167 2.55 -0.69 7.45
C THR A 167 2.80 -1.78 6.41
N ALA A 168 3.46 -2.88 6.83
CA ALA A 168 3.48 -4.11 6.05
C ALA A 168 2.40 -5.05 6.59
N TRP A 169 1.66 -5.67 5.69
CA TRP A 169 0.62 -6.63 6.04
C TRP A 169 1.05 -8.01 5.56
N THR A 170 1.03 -8.99 6.47
CA THR A 170 1.38 -10.35 6.10
C THR A 170 0.23 -11.31 6.34
N TRP A 171 0.14 -12.32 5.47
CA TRP A 171 -0.84 -13.37 5.69
C TRP A 171 -0.33 -14.60 4.96
N THR A 172 -0.92 -15.74 5.29
CA THR A 172 -0.57 -17.01 4.67
C THR A 172 -1.75 -17.48 3.84
N ASP A 173 -1.52 -17.63 2.54
CA ASP A 173 -2.46 -18.22 1.60
C ASP A 173 -1.93 -19.61 1.25
N THR A 174 -2.55 -20.24 0.25
CA THR A 174 -2.07 -21.52 -0.27
C THR A 174 -1.87 -21.37 -1.77
N ARG A 175 -0.99 -22.20 -2.30
CA ARG A 175 -0.60 -22.16 -3.70
C ARG A 175 -0.35 -23.61 -4.06
N ASN A 176 -1.00 -24.09 -5.11
CA ASN A 176 -1.13 -25.54 -5.27
C ASN A 176 -1.69 -26.00 -3.92
N GLY A 177 -1.11 -26.99 -3.27
CA GLY A 177 -1.55 -27.35 -1.95
C GLY A 177 -0.90 -26.55 -0.84
N LYS A 178 0.23 -25.89 -1.17
CA LYS A 178 1.12 -25.59 -0.07
C LYS A 178 0.95 -24.17 0.45
N PRO A 179 1.23 -23.98 1.73
CA PRO A 179 1.14 -22.64 2.31
C PRO A 179 2.15 -21.71 1.67
N VAL A 180 1.72 -20.47 1.43
CA VAL A 180 2.56 -19.42 0.90
C VAL A 180 2.41 -18.20 1.79
N ARG A 181 3.53 -17.75 2.35
CA ARG A 181 3.55 -16.58 3.25
C ARG A 181 3.76 -15.34 2.40
N ILE A 182 2.71 -14.54 2.29
CA ILE A 182 2.69 -13.34 1.46
C ILE A 182 3.01 -12.15 2.33
N ALA A 183 3.94 -11.32 1.86
CA ALA A 183 4.28 -10.07 2.53
C ALA A 183 3.95 -8.91 1.59
N TYR A 184 3.00 -8.08 1.99
CA TYR A 184 2.67 -6.85 1.26
C TYR A 184 3.41 -5.75 2.02
N ALA A 185 4.64 -5.46 1.59
CA ALA A 185 5.48 -4.50 2.29
C ALA A 185 5.31 -3.12 1.68
N ASP A 186 5.25 -2.12 2.56
CA ASP A 186 5.01 -0.76 2.11
C ASP A 186 6.25 -0.19 1.42
N SER A 187 6.03 0.94 0.75
CA SER A 187 7.13 1.71 0.17
C SER A 187 8.17 2.05 1.23
N LEU A 188 9.43 2.07 0.77
CA LEU A 188 10.59 2.45 1.59
C LEU A 188 11.33 3.61 0.95
N SER A 189 10.68 4.33 0.05
CA SER A 189 11.26 5.46 -0.66
C SER A 189 11.10 6.71 0.20
N ALA A 190 11.91 7.72 -0.12
CA ALA A 190 11.80 9.01 0.57
C ALA A 190 11.87 10.12 -0.49
N PRO A 191 10.88 10.18 -1.37
CA PRO A 191 11.03 10.97 -2.59
C PRO A 191 11.01 12.47 -2.39
N GLY A 192 12.17 13.08 -2.58
CA GLY A 192 12.33 14.50 -2.28
C GLY A 192 12.26 14.87 -0.82
N TYR A 193 12.27 13.90 0.09
CA TYR A 193 12.13 14.24 1.51
C TYR A 193 13.40 14.90 2.03
N GLN A 194 13.23 15.85 2.95
CA GLN A 194 14.34 16.26 3.81
C GLN A 194 14.51 15.19 4.90
N LEU A 195 15.65 14.53 4.91
CA LEU A 195 15.86 13.39 5.80
C LEU A 195 16.41 13.83 7.15
N GLN A 196 17.43 14.72 7.16
CA GLN A 196 18.17 15.08 8.36
C GLN A 196 17.62 16.37 8.95
N GLY A 197 17.43 16.38 10.27
CA GLY A 197 16.95 17.57 10.95
C GLY A 197 15.60 18.06 10.45
N ASN A 198 14.71 17.15 10.08
CA ASN A 198 13.40 17.56 9.60
C ASN A 198 12.53 17.92 10.79
N PRO A 199 12.11 19.17 10.96
CA PRO A 199 11.37 19.53 12.18
C PRO A 199 10.02 18.84 12.29
N ARG A 200 9.41 18.46 11.17
CA ARG A 200 8.15 17.74 11.19
C ARG A 200 8.34 16.24 11.42
N TYR A 201 9.57 15.72 11.36
CA TYR A 201 9.81 14.28 11.54
C TYR A 201 11.22 14.09 12.09
N PRO A 202 11.43 14.40 13.36
CA PRO A 202 12.82 14.45 13.87
C PRO A 202 13.52 13.11 13.85
N HIS A 203 12.79 12.01 14.03
CA HIS A 203 13.38 10.67 14.06
C HIS A 203 13.24 9.93 12.73
N LEU A 204 13.13 10.67 11.63
CA LEU A 204 12.89 10.05 10.34
C LEU A 204 13.96 9.01 10.04
N ILE A 205 15.23 9.35 10.23
CA ILE A 205 16.28 8.42 9.80
C ILE A 205 16.22 7.15 10.62
N GLU A 206 16.11 7.29 11.95
CA GLU A 206 16.04 6.11 12.82
C GLU A 206 14.85 5.23 12.47
N ASP A 207 13.73 5.84 12.10
CA ASP A 207 12.55 5.05 11.72
C ASP A 207 12.78 4.30 10.42
N TYR A 208 13.36 4.96 9.42
CA TYR A 208 13.68 4.23 8.21
C TYR A 208 14.62 3.06 8.52
N ARG A 209 15.64 3.30 9.36
CA ARG A 209 16.60 2.23 9.64
C ARG A 209 15.92 1.03 10.27
N ARG A 210 15.08 1.28 11.26
CA ARG A 210 14.31 0.22 11.89
C ARG A 210 13.39 -0.46 10.88
N SER A 211 12.80 0.33 9.96
CA SER A 211 11.88 -0.26 8.98
C SER A 211 12.61 -1.16 7.97
N PHE A 212 13.84 -0.83 7.60
CA PHE A 212 14.59 -1.75 6.76
C PHE A 212 14.73 -3.11 7.47
N ALA A 213 14.98 -3.09 8.78
CA ALA A 213 15.19 -4.36 9.49
C ALA A 213 13.88 -5.12 9.64
N THR A 214 12.77 -4.39 9.81
CA THR A 214 11.45 -5.01 9.86
C THR A 214 11.16 -5.73 8.55
N VAL A 215 11.40 -5.07 7.44
CA VAL A 215 11.10 -5.68 6.15
C VAL A 215 11.98 -6.91 5.93
N ARG A 216 13.27 -6.78 6.27
CA ARG A 216 14.24 -7.89 6.12
C ARG A 216 13.73 -9.17 6.78
N ALA A 217 13.00 -9.03 7.88
CA ALA A 217 12.64 -10.15 8.72
C ALA A 217 11.22 -10.65 8.52
N LEU A 218 10.45 -10.04 7.62
CA LEU A 218 9.05 -10.46 7.43
C LEU A 218 8.98 -11.92 6.99
N PRO A 219 7.95 -12.65 7.41
CA PRO A 219 7.66 -13.95 6.75
C PRO A 219 7.32 -13.69 5.30
N CYS A 220 8.11 -14.26 4.37
CA CYS A 220 8.10 -13.68 3.04
C CYS A 220 8.43 -14.68 1.92
N ASP A 221 7.51 -15.62 1.68
CA ASP A 221 7.64 -16.46 0.49
C ASP A 221 7.39 -15.66 -0.79
N VAL A 222 6.49 -14.69 -0.75
CA VAL A 222 6.21 -13.84 -1.91
C VAL A 222 6.10 -12.41 -1.37
N LEU A 223 6.90 -11.51 -1.92
CA LEU A 223 6.81 -10.09 -1.62
C LEU A 223 5.96 -9.39 -2.66
N LEU A 224 5.04 -8.54 -2.22
CA LEU A 224 4.34 -7.59 -3.08
C LEU A 224 4.54 -6.19 -2.52
N THR A 225 4.50 -5.18 -3.38
CA THR A 225 4.64 -3.78 -2.94
C THR A 225 3.62 -2.90 -3.62
N PRO A 226 3.31 -1.74 -3.00
CA PRO A 226 2.27 -0.86 -3.57
C PRO A 226 2.60 -0.39 -4.96
N HIS A 227 3.87 -0.04 -5.23
CA HIS A 227 4.31 0.11 -6.60
C HIS A 227 4.97 -1.19 -7.01
N PRO A 228 4.37 -1.98 -7.89
CA PRO A 228 4.95 -3.29 -8.18
C PRO A 228 6.39 -3.22 -8.63
N GLY A 229 6.78 -2.18 -9.34
CA GLY A 229 8.16 -2.05 -9.77
C GLY A 229 9.16 -2.06 -8.64
N ALA A 230 8.76 -1.64 -7.44
CA ALA A 230 9.68 -1.59 -6.32
C ALA A 230 10.17 -2.99 -5.91
N SER A 231 9.36 -4.00 -6.12
CA SER A 231 9.71 -5.38 -5.80
C SER A 231 9.91 -6.22 -7.07
N ASN A 232 10.01 -5.55 -8.22
CA ASN A 232 10.27 -6.16 -9.53
C ASN A 232 9.18 -7.08 -10.01
N TRP A 233 7.95 -6.80 -9.62
CA TRP A 233 6.79 -7.38 -10.28
C TRP A 233 6.53 -6.65 -11.59
N ASP A 234 5.99 -7.37 -12.57
CA ASP A 234 5.50 -6.79 -13.82
C ASP A 234 4.11 -7.34 -14.05
N TYR A 235 3.09 -6.60 -13.59
CA TYR A 235 1.73 -7.11 -13.66
C TYR A 235 1.27 -7.31 -15.10
N ALA A 236 1.94 -6.73 -16.08
CA ALA A 236 1.53 -6.92 -17.46
C ALA A 236 2.14 -8.17 -18.09
N ALA A 237 2.95 -8.92 -17.34
CA ALA A 237 3.71 -10.04 -17.89
C ALA A 237 3.03 -11.38 -17.64
N GLY A 238 1.78 -11.38 -17.19
CA GLY A 238 1.01 -12.61 -17.20
C GLY A 238 1.60 -13.67 -16.28
N ALA A 239 1.87 -14.84 -16.85
CA ALA A 239 2.30 -16.00 -16.07
C ALA A 239 3.62 -15.76 -15.36
N ARG A 240 4.44 -14.84 -15.85
CA ARG A 240 5.69 -14.53 -15.19
C ARG A 240 5.70 -13.12 -14.63
N ALA A 241 4.50 -12.59 -14.31
CA ALA A 241 4.45 -11.29 -13.63
C ALA A 241 5.34 -11.27 -12.40
N GLY A 242 5.33 -12.36 -11.62
CA GLY A 242 6.08 -12.44 -10.39
C GLY A 242 7.42 -13.10 -10.51
N ALA A 243 7.83 -13.49 -11.71
CA ALA A 243 9.00 -14.36 -11.83
C ALA A 243 10.27 -13.68 -11.31
N LYS A 244 10.39 -12.37 -11.53
CA LYS A 244 11.61 -11.65 -11.19
C LYS A 244 11.50 -10.98 -9.82
N ALA A 245 10.44 -11.26 -9.07
CA ALA A 245 10.18 -10.51 -7.84
C ALA A 245 11.33 -10.67 -6.87
N LEU A 246 11.63 -9.59 -6.16
CA LEU A 246 12.62 -9.60 -5.12
C LEU A 246 12.13 -10.34 -3.89
N THR A 247 13.08 -10.86 -3.12
CA THR A 247 12.84 -11.24 -1.74
C THR A 247 12.66 -9.99 -0.88
N CYS A 248 12.05 -10.16 0.29
CA CYS A 248 11.97 -9.03 1.21
C CYS A 248 13.36 -8.54 1.57
N LYS A 249 14.33 -9.47 1.76
CA LYS A 249 15.68 -9.06 2.11
C LYS A 249 16.28 -8.19 1.00
N ALA A 250 16.10 -8.58 -0.26
CA ALA A 250 16.68 -7.83 -1.36
C ALA A 250 15.99 -6.48 -1.52
N TYR A 251 14.68 -6.46 -1.28
CA TYR A 251 13.94 -5.18 -1.33
C TYR A 251 14.44 -4.23 -0.26
N ALA A 252 14.59 -4.72 0.97
CA ALA A 252 15.10 -3.91 2.06
C ALA A 252 16.51 -3.42 1.80
N ASP A 253 17.39 -4.31 1.32
CA ASP A 253 18.75 -3.91 1.03
C ASP A 253 18.81 -2.84 -0.06
N ALA A 254 18.03 -3.01 -1.13
CA ALA A 254 18.05 -2.03 -2.21
C ALA A 254 17.53 -0.69 -1.71
N ALA A 255 16.50 -0.71 -0.86
CA ALA A 255 15.96 0.53 -0.34
C ALA A 255 16.93 1.22 0.62
N GLU A 256 17.68 0.44 1.40
CA GLU A 256 18.64 1.04 2.32
C GLU A 256 19.83 1.65 1.56
N GLN A 257 20.32 0.97 0.53
CA GLN A 257 21.41 1.55 -0.25
C GLN A 257 20.97 2.82 -0.96
N LYS A 258 19.75 2.86 -1.49
CA LYS A 258 19.25 4.10 -2.07
C LYS A 258 19.15 5.18 -1.00
N PHE A 259 18.65 4.83 0.18
CA PHE A 259 18.49 5.78 1.26
C PHE A 259 19.84 6.35 1.69
N ASP A 260 20.85 5.49 1.82
CA ASP A 260 22.18 5.97 2.18
C ASP A 260 22.74 6.93 1.12
N GLY A 261 22.49 6.64 -0.15
CA GLY A 261 22.91 7.55 -1.21
C GLY A 261 22.21 8.89 -1.12
N GLN A 262 20.91 8.88 -0.83
CA GLN A 262 20.16 10.12 -0.70
C GLN A 262 20.67 10.94 0.48
N LEU A 263 20.98 10.26 1.59
CA LEU A 263 21.53 10.96 2.74
C LEU A 263 22.83 11.67 2.38
N ALA A 264 23.70 10.98 1.65
CA ALA A 264 24.97 11.58 1.27
C ALA A 264 24.75 12.74 0.31
N LYS A 265 23.79 12.60 -0.61
CA LYS A 265 23.51 13.70 -1.54
C LYS A 265 22.91 14.87 -0.80
N GLU A 266 22.07 14.59 0.20
CA GLU A 266 21.47 15.66 0.98
C GLU A 266 22.55 16.43 1.75
N THR A 267 23.50 15.72 2.35
CA THR A 267 24.61 16.39 3.01
C THR A 267 25.39 17.27 2.04
N ALA A 268 25.54 16.84 0.80
CA ALA A 268 26.29 17.63 -0.17
C ALA A 268 25.45 18.77 -0.74
N GLY A 269 24.13 18.73 -0.58
CA GLY A 269 23.26 19.74 -1.15
C GLY A 269 22.73 20.71 -0.12
#